data_1FHW
#
_entry.id   1FHW
#
_cell.length_a   37.970
_cell.length_b   72.220
_cell.length_c   46.900
_cell.angle_alpha   90.00
_cell.angle_beta   93.21
_cell.angle_gamma   90.00
#
_symmetry.space_group_name_H-M   'P 1 21 1'
#
loop_
_entity.id
_entity.type
_entity.pdbx_description
1 polymer 'GUANINE NUCLEOTIDE EXCHANGE FACTOR AND INTEGRIN BINDING PROTEIN HOMOLOG GRP1'
2 non-polymer INOSITOL-(1,3,4,5,6)-PENTAKISPHOSPHATE
3 non-polymer 'SULFATE ION'
4 water water
#
_entity_poly.entity_id   1
_entity_poly.type   'polypeptide(L)'
_entity_poly.pdbx_seq_one_letter_code
;MNPDREGWLLKLGGRVKTWKRRWFILTDNCLYYFEYTTDKEPRGIIPLENLSIREVEDPRKPNCFELYNPSHKGQVIKAC
KTEADGRVVEGNHVVYRISAPSPEEKEEWMKSIKASISRDPFYDMLATR
;
_entity_poly.pdbx_strand_id   A,B
#
loop_
_chem_comp.id
_chem_comp.type
_chem_comp.name
_chem_comp.formula
I5P non-polymer INOSITOL-(1,3,4,5,6)-PENTAKISPHOSPHATE 'C6 H17 O21 P5'
SO4 non-polymer 'SULFATE ION' 'O4 S -2'
#
# COMPACT_ATOMS: atom_id res chain seq x y z
N PRO A 3 -0.52 5.88 -20.90
CA PRO A 3 -1.09 5.84 -19.52
C PRO A 3 -0.92 4.44 -18.91
N ASP A 4 1.45 5.78 -19.20
CA ASP A 4 2.36 6.80 -19.73
C ASP A 4 3.64 6.19 -20.26
N ARG A 5 4.10 5.11 -19.65
CA ARG A 5 5.33 4.46 -20.09
C ARG A 5 5.43 3.01 -19.59
N GLU A 6 6.07 2.17 -20.40
CA GLU A 6 6.26 0.77 -20.06
C GLU A 6 7.64 0.33 -20.56
N GLY A 7 8.23 -0.68 -19.92
CA GLY A 7 9.53 -1.16 -20.33
C GLY A 7 10.26 -1.92 -19.24
N TRP A 8 11.33 -2.62 -19.63
CA TRP A 8 12.13 -3.40 -18.68
C TRP A 8 13.06 -2.53 -17.84
N LEU A 9 13.19 -2.89 -16.57
CA LEU A 9 14.08 -2.20 -15.63
C LEU A 9 14.55 -3.24 -14.61
N LEU A 10 15.69 -2.97 -13.96
CA LEU A 10 16.21 -3.87 -12.94
C LEU A 10 15.84 -3.29 -11.57
N LYS A 11 15.54 -4.15 -10.61
CA LYS A 11 15.16 -3.73 -9.26
C LYS A 11 15.95 -4.45 -8.19
N LEU A 12 16.50 -3.70 -7.24
CA LEU A 12 17.29 -4.29 -6.15
C LEU A 12 16.37 -4.77 -5.05
N GLY A 13 16.61 -5.98 -4.56
CA GLY A 13 15.78 -6.53 -3.49
C GLY A 13 15.81 -5.75 -2.20
N GLY A 14 14.74 -5.87 -1.42
CA GLY A 14 14.65 -5.16 -0.15
C GLY A 14 15.59 -5.76 0.88
N ARG A 15 15.14 -6.84 1.52
CA ARG A 15 15.97 -7.51 2.53
C ARG A 15 17.19 -8.04 1.82
N VAL A 16 18.30 -7.30 1.89
CA VAL A 16 19.55 -7.69 1.25
C VAL A 16 19.70 -7.08 -0.14
N LYS A 17 20.43 -7.77 -1.01
CA LYS A 17 20.67 -7.28 -2.36
C LYS A 17 20.04 -8.08 -3.49
N THR A 18 20.88 -8.52 -4.43
CA THR A 18 20.47 -9.28 -5.60
C THR A 18 19.46 -8.50 -6.45
N TRP A 19 19.79 -8.30 -7.71
CA TRP A 19 18.94 -7.56 -8.63
C TRP A 19 18.01 -8.50 -9.42
N LYS A 20 16.85 -7.98 -9.80
CA LYS A 20 15.89 -8.74 -10.58
C LYS A 20 15.39 -7.90 -11.76
N ARG A 21 15.19 -8.52 -12.93
CA ARG A 21 14.69 -7.80 -14.10
C ARG A 21 13.17 -7.93 -14.07
N ARG A 22 12.45 -6.81 -14.16
CA ARG A 22 10.99 -6.80 -14.13
C ARG A 22 10.44 -5.84 -15.18
N TRP A 23 9.25 -6.14 -15.70
CA TRP A 23 8.63 -5.23 -16.68
C TRP A 23 7.79 -4.27 -15.85
N PHE A 24 8.03 -2.97 -16.02
CA PHE A 24 7.30 -1.95 -15.28
C PHE A 24 6.28 -1.21 -16.13
N ILE A 25 5.19 -0.82 -15.47
CA ILE A 25 4.09 -0.10 -16.09
C ILE A 25 3.75 1.10 -15.23
N LEU A 26 3.89 2.29 -15.78
CA LEU A 26 3.54 3.52 -15.07
C LEU A 26 2.15 3.93 -15.52
N THR A 27 1.18 3.78 -14.61
CA THR A 27 -0.21 4.14 -14.90
C THR A 27 -0.90 4.53 -13.59
N ASP A 28 -1.77 5.55 -13.67
CA ASP A 28 -2.53 6.02 -12.52
C ASP A 28 -1.64 6.39 -11.33
N ASN A 29 -0.49 7.00 -11.63
CA ASN A 29 0.47 7.42 -10.61
C ASN A 29 0.94 6.25 -9.76
N CYS A 30 0.94 5.05 -10.34
CA CYS A 30 1.39 3.84 -9.68
C CYS A 30 2.35 3.10 -10.58
N LEU A 31 3.26 2.36 -9.97
CA LEU A 31 4.24 1.58 -10.69
C LEU A 31 3.94 0.10 -10.45
N TYR A 32 3.43 -0.58 -11.46
CA TYR A 32 3.14 -2.02 -11.35
C TYR A 32 4.31 -2.76 -11.97
N TYR A 33 4.68 -3.89 -11.39
CA TYR A 33 5.75 -4.67 -11.96
C TYR A 33 5.44 -6.15 -12.02
N PHE A 34 5.97 -6.80 -13.07
CA PHE A 34 5.76 -8.22 -13.31
C PHE A 34 7.09 -8.90 -13.61
N GLU A 35 7.15 -10.22 -13.39
CA GLU A 35 8.37 -10.96 -13.68
C GLU A 35 8.46 -11.16 -15.21
N TYR A 36 7.33 -11.54 -15.82
CA TYR A 36 7.27 -11.73 -17.29
C TYR A 36 6.10 -10.96 -17.91
N THR A 37 6.28 -10.51 -19.15
CA THR A 37 5.24 -9.74 -19.84
C THR A 37 3.98 -10.57 -20.09
N THR A 38 4.06 -11.88 -19.84
CA THR A 38 2.91 -12.76 -20.05
C THR A 38 2.21 -13.16 -18.75
N ASP A 39 2.73 -12.68 -17.61
CA ASP A 39 2.12 -13.01 -16.32
C ASP A 39 0.73 -12.40 -16.20
N LYS A 40 -0.19 -13.15 -15.58
CA LYS A 40 -1.56 -12.68 -15.44
C LYS A 40 -1.81 -11.77 -14.23
N GLU A 41 -0.97 -11.87 -13.21
CA GLU A 41 -1.16 -11.03 -12.03
C GLU A 41 0.12 -10.32 -11.61
N PRO A 42 -0.01 -9.07 -11.11
CA PRO A 42 1.14 -8.28 -10.68
C PRO A 42 2.00 -8.89 -9.58
N ARG A 43 3.30 -8.71 -9.70
CA ARG A 43 4.21 -9.21 -8.69
C ARG A 43 4.19 -8.15 -7.58
N GLY A 44 3.91 -6.91 -7.96
CA GLY A 44 3.86 -5.84 -6.97
C GLY A 44 3.27 -4.54 -7.47
N ILE A 45 2.89 -3.70 -6.52
CA ILE A 45 2.31 -2.39 -6.82
C ILE A 45 2.92 -1.37 -5.87
N ILE A 46 3.44 -0.29 -6.43
CA ILE A 46 4.06 0.78 -5.67
C ILE A 46 3.38 2.12 -5.95
N PRO A 47 2.54 2.60 -5.02
CA PRO A 47 1.84 3.88 -5.19
C PRO A 47 2.91 4.98 -5.15
N LEU A 48 2.89 5.89 -6.14
CA LEU A 48 3.88 6.98 -6.23
C LEU A 48 3.58 8.25 -5.41
N GLU A 49 2.32 8.44 -5.04
CA GLU A 49 1.90 9.60 -4.29
C GLU A 49 2.76 9.80 -3.03
N ASN A 50 3.22 11.03 -2.81
CA ASN A 50 4.04 11.41 -1.65
C ASN A 50 5.49 10.91 -1.65
N LEU A 51 5.94 10.34 -2.75
CA LEU A 51 7.32 9.86 -2.84
C LEU A 51 8.14 10.76 -3.77
N SER A 52 9.46 10.64 -3.71
CA SER A 52 10.35 11.42 -4.57
C SER A 52 11.31 10.45 -5.27
N ILE A 53 11.97 10.96 -6.30
CA ILE A 53 12.93 10.17 -7.07
C ILE A 53 14.24 10.97 -7.19
N ARG A 54 15.36 10.29 -7.01
CA ARG A 54 16.66 10.94 -7.09
C ARG A 54 17.64 10.05 -7.86
N GLU A 55 18.60 10.69 -8.53
CA GLU A 55 19.60 9.93 -9.26
C GLU A 55 20.58 9.40 -8.20
N VAL A 56 21.18 8.26 -8.48
CA VAL A 56 22.17 7.69 -7.55
C VAL A 56 23.25 7.01 -8.37
N GLU A 57 24.42 6.85 -7.75
CA GLU A 57 25.54 6.19 -8.41
C GLU A 57 25.76 4.85 -7.74
N ASP A 58 25.38 3.78 -8.42
CA ASP A 58 25.56 2.43 -7.87
C ASP A 58 26.98 1.99 -8.20
N PRO A 59 27.59 1.18 -7.33
CA PRO A 59 28.96 0.72 -7.60
C PRO A 59 29.12 -0.12 -8.87
N ARG A 60 28.06 -0.81 -9.28
CA ARG A 60 28.15 -1.64 -10.48
C ARG A 60 27.17 -1.32 -11.61
N LYS A 61 25.88 -1.19 -11.27
CA LYS A 61 24.87 -0.92 -12.29
C LYS A 61 24.75 0.56 -12.68
N PRO A 62 24.85 0.85 -13.99
CA PRO A 62 24.75 2.22 -14.51
C PRO A 62 23.30 2.66 -14.70
N ASN A 63 23.11 3.94 -15.01
CA ASN A 63 21.79 4.51 -15.25
C ASN A 63 20.78 4.22 -14.13
N CYS A 64 21.16 4.50 -12.88
CA CYS A 64 20.29 4.23 -11.73
C CYS A 64 19.62 5.44 -11.06
N PHE A 65 18.53 5.16 -10.36
CA PHE A 65 17.79 6.16 -9.59
C PHE A 65 17.06 5.43 -8.47
N GLU A 66 16.66 6.17 -7.44
CA GLU A 66 15.97 5.58 -6.28
C GLU A 66 14.63 6.22 -6.00
N LEU A 67 13.72 5.43 -5.41
CA LEU A 67 12.39 5.90 -5.01
C LEU A 67 12.43 5.88 -3.48
N TYR A 68 12.01 6.96 -2.84
CA TYR A 68 12.03 7.04 -1.37
C TYR A 68 10.94 7.97 -0.84
N ASN A 69 10.69 7.92 0.47
CA ASN A 69 9.68 8.78 1.09
C ASN A 69 10.37 9.89 1.87
N PRO A 70 10.39 11.11 1.31
CA PRO A 70 11.03 12.27 1.94
C PRO A 70 10.40 12.75 3.24
N SER A 71 9.12 12.42 3.47
CA SER A 71 8.44 12.88 4.67
C SER A 71 8.51 11.97 5.88
N HIS A 72 8.96 10.72 5.70
CA HIS A 72 9.05 9.79 6.81
C HIS A 72 10.29 8.91 6.75
N LYS A 73 11.45 9.50 7.08
CA LYS A 73 12.69 8.75 7.06
C LYS A 73 12.60 7.59 8.04
N GLY A 74 12.91 6.38 7.58
CA GLY A 74 12.86 5.24 8.47
C GLY A 74 11.65 4.33 8.36
N GLN A 75 10.56 4.82 7.79
CA GLN A 75 9.37 3.97 7.65
C GLN A 75 9.42 3.17 6.36
N VAL A 76 8.77 2.02 6.38
CA VAL A 76 8.71 1.18 5.18
C VAL A 76 7.76 1.88 4.20
N ILE A 77 8.10 1.83 2.91
CA ILE A 77 7.26 2.44 1.89
C ILE A 77 6.03 1.57 1.71
N LYS A 78 4.85 2.17 1.81
CA LYS A 78 3.60 1.42 1.67
C LYS A 78 3.47 0.89 0.24
N ALA A 79 3.33 -0.44 0.12
CA ALA A 79 3.21 -1.10 -1.18
C ALA A 79 2.68 -2.53 -1.03
N CYS A 80 2.23 -3.11 -2.15
CA CYS A 80 1.70 -4.47 -2.17
C CYS A 80 2.63 -5.38 -2.97
N LYS A 81 2.71 -6.65 -2.58
CA LYS A 81 3.52 -7.61 -3.30
C LYS A 81 2.96 -9.00 -3.06
N THR A 82 3.25 -9.92 -3.98
CA THR A 82 2.77 -11.30 -3.83
C THR A 82 3.93 -12.24 -3.55
N GLU A 83 3.74 -13.13 -2.57
CA GLU A 83 4.75 -14.10 -2.20
C GLU A 83 4.86 -15.18 -3.28
N ALA A 84 5.80 -16.11 -3.08
CA ALA A 84 6.01 -17.19 -4.03
C ALA A 84 4.73 -18.01 -4.20
N ASP A 85 4.03 -18.23 -3.09
CA ASP A 85 2.78 -19.01 -3.12
C ASP A 85 1.61 -18.24 -3.69
N GLY A 86 1.84 -16.98 -4.07
CA GLY A 86 0.78 -16.18 -4.65
C GLY A 86 0.02 -15.31 -3.66
N ARG A 87 0.24 -15.53 -2.37
CA ARG A 87 -0.46 -14.76 -1.34
C ARG A 87 0.04 -13.32 -1.24
N VAL A 88 -0.91 -12.41 -1.00
CA VAL A 88 -0.61 -10.99 -0.89
C VAL A 88 -0.18 -10.58 0.51
N VAL A 89 0.90 -9.81 0.57
CA VAL A 89 1.45 -9.29 1.83
C VAL A 89 1.97 -7.87 1.54
N GLU A 90 2.33 -7.15 2.58
CA GLU A 90 2.86 -5.80 2.42
C GLU A 90 4.35 -5.85 2.07
N GLY A 91 4.83 -4.84 1.35
CA GLY A 91 6.23 -4.80 0.97
C GLY A 91 7.08 -4.43 2.16
N ASN A 92 8.39 -4.64 2.06
CA ASN A 92 9.28 -4.32 3.16
C ASN A 92 10.46 -3.43 2.74
N HIS A 93 10.21 -2.54 1.79
CA HIS A 93 11.24 -1.62 1.30
C HIS A 93 11.18 -0.26 1.97
N VAL A 94 12.34 0.26 2.36
CA VAL A 94 12.40 1.62 2.89
C VAL A 94 12.81 2.47 1.69
N VAL A 95 13.44 1.82 0.71
CA VAL A 95 13.89 2.48 -0.52
C VAL A 95 13.87 1.49 -1.70
N TYR A 96 13.57 1.98 -2.91
CA TYR A 96 13.58 1.13 -4.11
C TYR A 96 14.66 1.63 -5.07
N ARG A 97 15.65 0.81 -5.37
CA ARG A 97 16.70 1.21 -6.32
C ARG A 97 16.45 0.54 -7.68
N ILE A 98 16.46 1.35 -8.74
CA ILE A 98 16.18 0.90 -10.11
C ILE A 98 17.30 1.25 -11.11
N SER A 99 17.50 0.40 -12.12
CA SER A 99 18.51 0.62 -13.15
C SER A 99 17.86 0.50 -14.53
N ALA A 100 18.13 1.46 -15.41
CA ALA A 100 17.55 1.48 -16.76
C ALA A 100 18.50 0.94 -17.84
N PRO A 101 17.95 0.39 -18.95
CA PRO A 101 18.65 -0.20 -20.10
C PRO A 101 19.57 0.71 -20.93
N SER A 102 19.45 2.02 -20.77
CA SER A 102 20.28 2.96 -21.52
C SER A 102 20.15 4.36 -20.94
N PRO A 103 21.16 5.21 -21.17
CA PRO A 103 21.11 6.58 -20.66
C PRO A 103 19.87 7.32 -21.14
N GLU A 104 19.48 7.07 -22.38
CA GLU A 104 18.30 7.72 -22.93
C GLU A 104 17.03 7.26 -22.21
N GLU A 105 16.92 5.95 -21.98
CA GLU A 105 15.76 5.39 -21.29
C GLU A 105 15.67 5.83 -19.82
N LYS A 106 16.82 6.02 -19.18
CA LYS A 106 16.79 6.48 -17.80
C LYS A 106 16.19 7.88 -17.82
N GLU A 107 16.69 8.71 -18.74
CA GLU A 107 16.20 10.07 -18.89
C GLU A 107 14.68 10.03 -19.08
N GLU A 108 14.23 9.16 -19.98
CA GLU A 108 12.82 9.01 -20.29
C GLU A 108 11.99 8.62 -19.05
N TRP A 109 12.46 7.63 -18.30
CA TRP A 109 11.74 7.20 -17.09
C TRP A 109 11.69 8.24 -15.97
N MET A 110 12.80 8.92 -15.71
CA MET A 110 12.80 9.93 -14.66
C MET A 110 11.89 11.09 -15.02
N LYS A 111 11.86 11.46 -16.29
CA LYS A 111 11.02 12.55 -16.75
C LYS A 111 9.55 12.17 -16.61
N SER A 112 9.23 10.93 -16.98
CA SER A 112 7.86 10.42 -16.88
C SER A 112 7.40 10.29 -15.43
N ILE A 113 8.26 9.78 -14.56
CA ILE A 113 7.90 9.61 -13.17
C ILE A 113 7.73 10.94 -12.46
N LYS A 114 8.61 11.90 -12.76
CA LYS A 114 8.52 13.23 -12.16
C LYS A 114 7.26 13.94 -12.63
N ALA A 115 6.94 13.79 -13.91
CA ALA A 115 5.75 14.41 -14.50
C ALA A 115 4.49 13.81 -13.87
N SER A 116 4.51 12.49 -13.68
CA SER A 116 3.37 11.79 -13.09
C SER A 116 3.11 12.27 -11.66
N ILE A 117 4.17 12.31 -10.85
CA ILE A 117 4.09 12.74 -9.46
C ILE A 117 3.66 14.22 -9.33
N SER A 118 4.26 15.08 -10.14
CA SER A 118 3.96 16.51 -10.10
C SER A 118 2.59 16.80 -10.70
N ARG A 119 2.08 15.86 -11.48
CA ARG A 119 0.78 16.01 -12.13
C ARG A 119 -0.35 15.85 -11.12
N ASP A 120 -0.05 15.21 -9.99
CA ASP A 120 -1.05 14.98 -8.94
C ASP A 120 -1.52 16.30 -8.33
N PRO A 121 -2.84 16.47 -8.17
CA PRO A 121 -3.42 17.68 -7.59
C PRO A 121 -2.91 18.02 -6.20
N PHE A 122 -2.46 17.01 -5.45
CA PHE A 122 -1.96 17.22 -4.09
C PHE A 122 -0.46 17.46 -4.00
N TYR A 123 0.23 17.39 -5.14
CA TYR A 123 1.67 17.59 -5.18
C TYR A 123 2.09 18.93 -4.56
N ASP A 124 1.31 19.98 -4.83
CA ASP A 124 1.55 21.33 -4.34
C ASP A 124 2.68 22.00 -5.13
N ASP B 4 -3.83 -8.90 17.92
CA ASP B 4 -4.30 -7.98 18.94
C ASP B 4 -5.81 -8.16 19.14
N ARG B 5 -6.56 -8.17 18.04
CA ARG B 5 -8.00 -8.35 18.14
C ARG B 5 -8.58 -8.85 16.81
N GLU B 6 -9.67 -9.60 16.90
CA GLU B 6 -10.35 -10.14 15.74
C GLU B 6 -11.84 -10.27 15.99
N GLY B 7 -12.61 -10.25 14.92
CA GLY B 7 -14.05 -10.35 15.01
C GLY B 7 -14.75 -9.89 13.75
N TRP B 8 -16.07 -10.09 13.71
CA TRP B 8 -16.88 -9.69 12.57
C TRP B 8 -17.22 -8.21 12.64
N LEU B 9 -17.17 -7.53 11.49
CA LEU B 9 -17.51 -6.11 11.41
C LEU B 9 -18.08 -5.82 10.01
N LEU B 10 -18.76 -4.69 9.86
CA LEU B 10 -19.33 -4.29 8.57
C LEU B 10 -18.53 -3.13 7.98
N LYS B 11 -18.24 -3.18 6.68
CA LYS B 11 -17.47 -2.16 5.99
C LYS B 11 -18.18 -1.57 4.76
N LEU B 12 -18.12 -0.25 4.60
CA LEU B 12 -18.74 0.42 3.46
C LEU B 12 -17.83 0.34 2.23
N GLY B 13 -18.42 0.20 1.05
CA GLY B 13 -17.64 0.12 -0.18
C GLY B 13 -16.95 1.42 -0.60
N GLY B 14 -15.98 1.30 -1.51
CA GLY B 14 -15.25 2.45 -1.99
C GLY B 14 -16.08 3.54 -2.66
N ARG B 15 -16.99 3.13 -3.54
CA ARG B 15 -17.84 4.09 -4.24
C ARG B 15 -19.30 3.97 -3.78
N VAL B 16 -19.97 2.93 -4.26
CA VAL B 16 -21.38 2.69 -3.92
C VAL B 16 -21.58 2.48 -2.41
N LYS B 17 -22.64 3.05 -1.88
CA LYS B 17 -22.95 2.96 -0.46
C LYS B 17 -23.59 1.62 -0.03
N THR B 18 -22.86 0.53 -0.20
CA THR B 18 -23.35 -0.79 0.19
C THR B 18 -22.40 -1.40 1.22
N TRP B 19 -22.95 -2.01 2.26
CA TRP B 19 -22.15 -2.59 3.33
C TRP B 19 -21.88 -4.09 3.16
N LYS B 20 -20.68 -4.51 3.57
CA LYS B 20 -20.30 -5.92 3.50
C LYS B 20 -19.81 -6.38 4.87
N ARG B 21 -20.13 -7.63 5.23
CA ARG B 21 -19.71 -8.21 6.53
C ARG B 21 -18.41 -8.96 6.28
N ARG B 22 -17.36 -8.63 7.04
CA ARG B 22 -16.08 -9.29 6.86
C ARG B 22 -15.44 -9.61 8.20
N TRP B 23 -14.54 -10.58 8.22
CA TRP B 23 -13.83 -10.96 9.44
C TRP B 23 -12.53 -10.16 9.44
N PHE B 24 -12.35 -9.36 10.50
CA PHE B 24 -11.18 -8.51 10.64
C PHE B 24 -10.19 -9.05 11.66
N ILE B 25 -8.90 -8.90 11.34
CA ILE B 25 -7.81 -9.30 12.24
C ILE B 25 -6.80 -8.15 12.33
N LEU B 26 -6.59 -7.65 13.55
CA LEU B 26 -5.62 -6.58 13.77
C LEU B 26 -4.31 -7.22 14.22
N THR B 27 -3.26 -7.04 13.42
CA THR B 27 -1.95 -7.57 13.75
C THR B 27 -0.87 -6.93 12.87
N ASP B 28 0.34 -6.83 13.41
CA ASP B 28 1.46 -6.25 12.68
C ASP B 28 1.16 -4.82 12.20
N ASN B 29 0.35 -4.10 12.98
CA ASN B 29 -0.04 -2.73 12.66
C ASN B 29 -0.72 -2.61 11.30
N CYS B 30 -1.49 -3.64 10.97
CA CYS B 30 -2.26 -3.71 9.74
C CYS B 30 -3.63 -4.25 10.09
N LEU B 31 -4.63 -3.79 9.35
CA LEU B 31 -5.98 -4.26 9.56
C LEU B 31 -6.27 -5.18 8.37
N TYR B 32 -6.31 -6.48 8.63
CA TYR B 32 -6.61 -7.46 7.56
C TYR B 32 -8.10 -7.80 7.58
N TYR B 33 -8.69 -7.99 6.41
CA TYR B 33 -10.09 -8.40 6.35
C TYR B 33 -10.27 -9.54 5.35
N PHE B 34 -11.13 -10.49 5.72
CA PHE B 34 -11.41 -11.70 4.93
C PHE B 34 -12.89 -11.96 4.72
N GLU B 35 -13.22 -12.74 3.69
CA GLU B 35 -14.61 -13.07 3.44
C GLU B 35 -15.08 -14.12 4.45
N TYR B 36 -14.21 -15.10 4.74
CA TYR B 36 -14.52 -16.15 5.71
C TYR B 36 -13.46 -16.17 6.81
N THR B 37 -13.86 -16.60 8.01
CA THR B 37 -12.96 -16.62 9.15
C THR B 37 -11.65 -17.38 8.95
N THR B 38 -11.64 -18.36 8.06
CA THR B 38 -10.45 -19.17 7.83
C THR B 38 -9.70 -19.01 6.50
N ASP B 39 -10.10 -18.09 5.64
CA ASP B 39 -9.38 -17.91 4.37
C ASP B 39 -7.91 -17.59 4.65
N LYS B 40 -7.01 -18.16 3.84
CA LYS B 40 -5.58 -17.89 4.01
C LYS B 40 -5.21 -16.64 3.20
N GLU B 41 -6.05 -16.29 2.24
CA GLU B 41 -5.83 -15.12 1.38
C GLU B 41 -6.76 -13.98 1.75
N PRO B 42 -6.22 -12.84 2.23
CA PRO B 42 -7.10 -11.74 2.60
C PRO B 42 -7.76 -11.03 1.43
N ARG B 43 -8.91 -10.44 1.71
CA ARG B 43 -9.65 -9.69 0.70
C ARG B 43 -9.01 -8.31 0.61
N GLY B 44 -8.38 -7.89 1.71
CA GLY B 44 -7.73 -6.59 1.72
C GLY B 44 -6.76 -6.42 2.88
N ILE B 45 -5.79 -5.51 2.71
CA ILE B 45 -4.81 -5.20 3.76
C ILE B 45 -4.68 -3.70 3.85
N ILE B 46 -4.91 -3.16 5.04
CA ILE B 46 -4.79 -1.71 5.23
C ILE B 46 -3.70 -1.40 6.24
N PRO B 47 -2.55 -0.87 5.78
CA PRO B 47 -1.46 -0.52 6.71
C PRO B 47 -1.91 0.70 7.50
N LEU B 48 -1.77 0.63 8.82
CA LEU B 48 -2.23 1.71 9.70
C LEU B 48 -1.26 2.84 10.01
N GLU B 49 0.02 2.66 9.68
CA GLU B 49 1.00 3.70 9.95
C GLU B 49 0.57 5.07 9.41
N ASN B 50 0.63 6.07 10.31
CA ASN B 50 0.28 7.46 10.01
C ASN B 50 -1.20 7.73 9.81
N LEU B 51 -2.05 6.75 10.10
CA LEU B 51 -3.48 6.95 9.94
C LEU B 51 -4.12 7.37 11.25
N SER B 52 -5.39 7.74 11.19
CA SER B 52 -6.15 8.16 12.37
C SER B 52 -7.56 7.56 12.35
N ILE B 53 -8.21 7.56 13.51
CA ILE B 53 -9.56 7.02 13.67
C ILE B 53 -10.45 8.08 14.30
N ARG B 54 -11.69 8.15 13.85
CA ARG B 54 -12.66 9.11 14.39
C ARG B 54 -14.05 8.51 14.37
N GLU B 55 -14.82 8.76 15.43
CA GLU B 55 -16.18 8.24 15.49
C GLU B 55 -16.99 9.06 14.48
N VAL B 56 -18.02 8.44 13.93
CA VAL B 56 -18.88 9.12 12.96
C VAL B 56 -20.31 8.63 13.08
N GLU B 57 -21.25 9.44 12.58
CA GLU B 57 -22.65 9.09 12.61
C GLU B 57 -23.12 8.62 11.25
N ASP B 58 -23.75 7.45 11.22
CA ASP B 58 -24.24 6.90 9.96
C ASP B 58 -25.77 6.83 9.99
N PRO B 59 -26.43 7.03 8.84
CA PRO B 59 -27.89 7.00 8.74
C PRO B 59 -28.50 5.62 9.00
N ARG B 60 -27.81 4.58 8.53
CA ARG B 60 -28.31 3.22 8.65
C ARG B 60 -27.69 2.32 9.72
N LYS B 61 -26.38 2.43 9.90
CA LYS B 61 -25.65 1.57 10.85
C LYS B 61 -25.19 2.25 12.13
N PRO B 62 -25.28 1.52 13.26
CA PRO B 62 -24.87 2.05 14.57
C PRO B 62 -23.41 1.75 14.85
N ASN B 63 -22.93 2.24 15.99
CA ASN B 63 -21.56 2.02 16.44
C ASN B 63 -20.51 2.11 15.32
N CYS B 64 -20.51 3.22 14.58
CA CYS B 64 -19.57 3.43 13.47
C CYS B 64 -18.34 4.29 13.80
N PHE B 65 -17.29 4.07 13.01
CA PHE B 65 -16.06 4.85 13.12
C PHE B 65 -15.37 4.80 11.76
N GLU B 66 -14.48 5.76 11.50
CA GLU B 66 -13.79 5.78 10.21
C GLU B 66 -12.29 5.81 10.37
N LEU B 67 -11.61 5.30 9.34
CA LEU B 67 -10.14 5.28 9.27
C LEU B 67 -9.81 6.27 8.16
N TYR B 68 -8.85 7.18 8.40
CA TYR B 68 -8.49 8.15 7.37
C TYR B 68 -7.06 8.67 7.48
N ASN B 69 -6.64 9.43 6.46
CA ASN B 69 -5.30 10.01 6.39
C ASN B 69 -5.35 11.49 6.81
N PRO B 70 -4.86 11.80 8.01
CA PRO B 70 -4.86 13.18 8.51
C PRO B 70 -3.89 14.13 7.81
N SER B 71 -2.80 13.59 7.29
CA SER B 71 -1.78 14.40 6.60
C SER B 71 -2.21 14.94 5.24
N HIS B 72 -2.90 14.11 4.47
CA HIS B 72 -3.37 14.52 3.15
C HIS B 72 -4.84 14.20 2.98
N LYS B 73 -5.70 14.99 3.61
CA LYS B 73 -7.15 14.76 3.53
C LYS B 73 -7.65 14.85 2.10
N GLY B 74 -8.38 13.83 1.67
CA GLY B 74 -8.92 13.81 0.32
C GLY B 74 -8.08 12.95 -0.60
N GLN B 75 -6.91 12.54 -0.13
CA GLN B 75 -6.01 11.72 -0.93
C GLN B 75 -6.36 10.25 -0.69
N VAL B 76 -6.28 9.43 -1.74
CA VAL B 76 -6.58 8.00 -1.61
C VAL B 76 -5.63 7.34 -0.60
N ILE B 77 -6.18 6.47 0.24
CA ILE B 77 -5.40 5.76 1.27
C ILE B 77 -4.65 4.58 0.62
N LYS B 78 -3.36 4.47 0.90
CA LYS B 78 -2.59 3.37 0.33
C LYS B 78 -2.96 2.05 1.00
N ALA B 79 -3.48 1.13 0.20
CA ALA B 79 -3.90 -0.19 0.67
C ALA B 79 -3.99 -1.14 -0.50
N CYS B 80 -4.17 -2.42 -0.20
CA CYS B 80 -4.26 -3.46 -1.21
C CYS B 80 -5.63 -4.14 -1.14
N LYS B 81 -6.10 -4.61 -2.29
CA LYS B 81 -7.36 -5.32 -2.37
C LYS B 81 -7.11 -6.50 -3.31
N THR B 82 -7.80 -7.61 -3.11
CA THR B 82 -7.61 -8.76 -3.99
C THR B 82 -8.89 -9.20 -4.69
N GLU B 83 -8.72 -9.77 -5.89
CA GLU B 83 -9.84 -10.28 -6.67
C GLU B 83 -9.93 -11.78 -6.38
N ALA B 84 -11.06 -12.38 -6.74
CA ALA B 84 -11.28 -13.81 -6.50
C ALA B 84 -10.13 -14.69 -7.02
N ASP B 85 -9.49 -14.25 -8.10
CA ASP B 85 -8.38 -15.00 -8.68
C ASP B 85 -7.04 -14.73 -8.01
N GLY B 86 -7.03 -13.83 -7.03
CA GLY B 86 -5.80 -13.51 -6.33
C GLY B 86 -5.06 -12.31 -6.91
N ARG B 87 -5.62 -11.69 -7.94
CA ARG B 87 -4.98 -10.51 -8.55
C ARG B 87 -5.09 -9.32 -7.62
N VAL B 88 -3.94 -8.72 -7.29
CA VAL B 88 -3.91 -7.56 -6.42
C VAL B 88 -4.15 -6.29 -7.21
N VAL B 89 -4.89 -5.36 -6.60
CA VAL B 89 -5.18 -4.07 -7.21
C VAL B 89 -5.06 -3.04 -6.11
N GLU B 90 -4.64 -1.83 -6.48
CA GLU B 90 -4.49 -0.74 -5.53
C GLU B 90 -5.86 -0.34 -5.02
N GLY B 91 -5.97 -0.13 -3.71
CA GLY B 91 -7.24 0.27 -3.12
C GLY B 91 -7.65 1.65 -3.61
N ASN B 92 -8.92 1.99 -3.44
CA ASN B 92 -9.41 3.29 -3.90
C ASN B 92 -10.28 4.02 -2.88
N HIS B 93 -9.98 3.83 -1.59
CA HIS B 93 -10.71 4.48 -0.51
C HIS B 93 -10.03 5.77 -0.08
N VAL B 94 -10.81 6.80 0.24
CA VAL B 94 -10.25 8.03 0.77
C VAL B 94 -10.47 7.90 2.29
N VAL B 95 -11.49 7.12 2.65
CA VAL B 95 -11.82 6.84 4.05
C VAL B 95 -12.40 5.42 4.13
N TYR B 96 -12.29 4.78 5.29
CA TYR B 96 -12.84 3.45 5.52
C TYR B 96 -13.85 3.54 6.67
N ARG B 97 -15.14 3.45 6.37
CA ARG B 97 -16.15 3.51 7.41
C ARG B 97 -16.59 2.10 7.78
N ILE B 98 -16.56 1.79 9.08
CA ILE B 98 -16.97 0.46 9.54
C ILE B 98 -17.93 0.53 10.74
N SER B 99 -18.74 -0.50 10.89
CA SER B 99 -19.73 -0.59 11.97
C SER B 99 -19.54 -1.84 12.84
N ALA B 100 -19.54 -1.65 14.16
CA ALA B 100 -19.37 -2.75 15.12
C ALA B 100 -20.71 -3.28 15.64
N PRO B 101 -20.73 -4.52 16.17
CA PRO B 101 -21.95 -5.16 16.70
C PRO B 101 -22.56 -4.53 17.94
N SER B 102 -21.74 -3.87 18.76
CA SER B 102 -22.26 -3.25 19.98
C SER B 102 -21.43 -2.04 20.40
N PRO B 103 -21.92 -1.28 21.37
CA PRO B 103 -21.18 -0.10 21.83
C PRO B 103 -19.84 -0.55 22.42
N GLU B 104 -19.90 -1.56 23.27
CA GLU B 104 -18.71 -2.10 23.92
C GLU B 104 -17.69 -2.60 22.91
N GLU B 105 -18.15 -3.31 21.89
CA GLU B 105 -17.25 -3.85 20.87
C GLU B 105 -16.65 -2.73 20.02
N LYS B 106 -17.42 -1.68 19.77
CA LYS B 106 -16.90 -0.56 19.00
C LYS B 106 -15.77 0.04 19.82
N GLU B 107 -16.01 0.17 21.13
CA GLU B 107 -15.01 0.72 22.04
C GLU B 107 -13.74 -0.10 22.03
N GLU B 108 -13.89 -1.41 22.12
CA GLU B 108 -12.73 -2.30 22.14
C GLU B 108 -11.88 -2.20 20.88
N TRP B 109 -12.51 -2.07 19.71
CA TRP B 109 -11.75 -1.97 18.47
C TRP B 109 -11.00 -0.65 18.35
N MET B 110 -11.69 0.47 18.61
CA MET B 110 -11.03 1.76 18.52
C MET B 110 -9.83 1.85 19.46
N LYS B 111 -9.95 1.25 20.65
CA LYS B 111 -8.85 1.26 21.61
C LYS B 111 -7.66 0.48 21.07
N SER B 112 -7.92 -0.72 20.56
CA SER B 112 -6.88 -1.57 19.99
C SER B 112 -6.18 -0.92 18.80
N ILE B 113 -6.96 -0.36 17.87
CA ILE B 113 -6.39 0.28 16.69
C ILE B 113 -5.53 1.49 17.04
N LYS B 114 -6.03 2.35 17.92
CA LYS B 114 -5.27 3.54 18.32
C LYS B 114 -3.98 3.11 19.03
N ALA B 115 -4.08 2.07 19.84
CA ALA B 115 -2.94 1.54 20.57
C ALA B 115 -1.88 1.02 19.60
N SER B 116 -2.32 0.41 18.49
CA SER B 116 -1.38 -0.11 17.51
C SER B 116 -0.65 1.02 16.80
N ILE B 117 -1.39 2.02 16.36
CA ILE B 117 -0.78 3.16 15.67
C ILE B 117 0.19 3.91 16.60
N SER B 118 -0.15 3.99 17.88
CA SER B 118 0.72 4.67 18.84
C SER B 118 2.08 3.98 18.92
N ARG B 119 2.13 2.72 18.49
CA ARG B 119 3.36 1.95 18.51
C ARG B 119 4.10 1.97 17.16
N ASP B 120 3.79 2.95 16.32
CA ASP B 120 4.44 3.06 15.01
C ASP B 120 5.96 2.97 15.06
N PRO B 121 6.60 3.66 16.02
CA PRO B 121 8.06 3.58 16.07
C PRO B 121 8.58 2.18 16.37
N PHE B 122 7.79 1.40 17.10
CA PHE B 122 8.21 0.05 17.41
C PHE B 122 8.11 -0.86 16.20
N TYR B 123 7.13 -0.58 15.33
CA TYR B 123 6.98 -1.38 14.13
C TYR B 123 8.04 -0.99 13.10
N ASP B 124 8.48 0.26 13.13
CA ASP B 124 9.53 0.71 12.20
C ASP B 124 10.82 0.00 12.57
N MET B 125 11.02 -0.25 13.86
CA MET B 125 12.22 -0.95 14.31
C MET B 125 12.29 -2.34 13.67
N LEU B 126 11.21 -3.11 13.80
CA LEU B 126 11.14 -4.47 13.27
C LEU B 126 11.47 -4.58 11.79
N ALA B 127 11.23 -3.51 11.05
CA ALA B 127 11.48 -3.50 9.61
C ALA B 127 12.89 -3.11 9.19
N THR B 128 13.78 -2.89 10.15
CA THR B 128 15.16 -2.53 9.81
C THR B 128 15.95 -3.77 9.41
N ARG B 129 15.78 -4.86 10.15
CA ARG B 129 16.45 -6.12 9.86
C ARG B 129 15.43 -7.15 9.36
C1 I5P C . 13.42 -11.23 -3.41
C2 I5P C . 13.56 -10.19 -2.31
C3 I5P C . 12.24 -9.43 -2.09
C4 I5P C . 11.66 -8.88 -3.40
C5 I5P C . 11.67 -9.88 -4.56
C6 I5P C . 13.02 -10.55 -4.71
O11 I5P C . 14.65 -11.96 -3.59
P1 I5P C . 14.65 -13.57 -3.79
O21 I5P C . 16.11 -13.99 -3.81
O31 I5P C . 13.94 -13.83 -5.12
O41 I5P C . 13.87 -14.13 -2.62
O12 I5P C . 13.96 -10.83 -1.08
P2 I5P C . 15.50 -10.72 -0.55
O22 I5P C . 16.02 -9.38 -1.04
O32 I5P C . 16.24 -11.91 -1.15
O42 I5P C . 15.40 -10.79 0.97
O13 I5P C . 12.43 -8.35 -1.16
P3 I5P C . 12.11 -8.55 0.44
O23 I5P C . 11.90 -7.14 0.99
O33 I5P C . 10.86 -9.41 0.53
O43 I5P C . 13.35 -9.22 1.00
O14 I5P C . 10.33 -8.41 -3.16
P4 I5P C . 9.88 -6.90 -3.60
O24 I5P C . 11.13 -6.21 -4.09
O34 I5P C . 8.85 -7.08 -4.70
O44 I5P C . 9.29 -6.29 -2.34
O15 I5P C . 11.34 -9.20 -5.78
P5 I5P C . 10.00 -9.57 -6.62
O25 I5P C . 10.15 -11.03 -7.02
O35 I5P C . 8.81 -9.32 -5.69
O45 I5P C . 10.04 -8.62 -7.80
O16 I5P C . 14.00 -9.59 -5.07
S SO4 D . 2.19 8.16 2.80
O1 SO4 D . 3.08 7.01 2.50
O2 SO4 D . 1.46 7.88 4.05
O3 SO4 D . 3.00 9.39 2.96
O4 SO4 D . 1.24 8.33 1.69
C1 I5P E . -17.52 -3.47 -3.42
C2 I5P E . -16.65 -2.35 -4.00
C3 I5P E . -15.19 -2.23 -3.53
C4 I5P E . -14.85 -2.91 -2.21
C5 I5P E . -15.56 -4.25 -2.01
C6 I5P E . -17.05 -4.08 -2.09
O11 I5P E . -17.75 -4.50 -4.39
P1 I5P E . -19.23 -4.70 -5.05
O21 I5P E . -20.05 -3.51 -4.56
O31 I5P E . -19.75 -6.04 -4.55
O41 I5P E . -19.01 -4.67 -6.55
O12 I5P E . -17.33 -1.08 -3.88
P2 I5P E . -17.83 -0.27 -5.20
O22 I5P E . -16.59 -0.09 -6.09
O32 I5P E . -18.37 1.04 -4.66
O42 I5P E . -18.90 -1.13 -5.86
O13 I5P E . -14.81 -0.84 -3.48
P3 I5P E . -13.69 -0.24 -4.50
O23 I5P E . -12.53 0.19 -3.63
O33 I5P E . -13.32 -1.35 -5.45
O43 I5P E . -14.37 0.93 -5.19
O14 I5P E . -13.42 -3.09 -2.14
P4 I5P E . -12.55 -2.65 -0.83
O24 I5P E . -13.53 -2.04 0.15
O34 I5P E . -11.90 -3.93 -0.33
O44 I5P E . -11.51 -1.66 -1.35
O15 I5P E . -15.21 -4.80 -0.72
P5 I5P E . -14.42 -6.22 -0.58
O25 I5P E . -15.26 -7.27 -1.30
O35 I5P E . -13.06 -5.99 -1.23
O45 I5P E . -14.34 -6.48 0.92
O16 I5P E . -17.51 -3.29 -1.01
#